data_3FDB
#
_entry.id   3FDB
#
_cell.length_a   69.180
_cell.length_b   69.180
_cell.length_c   215.460
_cell.angle_alpha   90.000
_cell.angle_beta   90.000
_cell.angle_gamma   120.000
#
_symmetry.space_group_name_H-M   'P 31 2 1'
#
loop_
_entity.id
_entity.type
_entity.pdbx_description
1 polymer 'putative PLP-dependent beta-cystathionase'
2 non-polymer 'SODIUM ION'
3 non-polymer 'CHLORIDE ION'
4 non-polymer 1,2-ETHANEDIOL
5 water water
#
_entity_poly.entity_id   1
_entity_poly.type   'polypeptide(L)'
_entity_poly.pdbx_seq_one_letter_code
;G(MSE)QFPSIEDLRARNT(MSE)KWTRYGQGVLPLWVAESDFSTCPAVLQAITDAVQREAFGYQPDGSLLSQATAEFYA
DRYGYQARPEWIFPIPDVVRGLYIAIDHFTPAQSKVIVPTPAYPPFFHLLSATQREGIFIDATGGINLHDVEKGFQAGAR
SILLCNPYNPLG(MSE)VFAPEWLNELCDLAHRYDARVLVDEIHAPLVFDGQHTVAAGVSDTAASVCITITAPS(LLP)A
WNIAGLKCAQIIFSNPSDAEHWQQLSPVIKDGASTLGLIAAEAAYRYGTDFLNQEVAYLKNNHDFLLHEIPKRIPGAKIT
P(MSE)QATYL(MSE)WIDFRDTTIEGSPSEFFIEKAKVA(MSE)NDGAWFGEDGTGFCRLNFATSREVLEEAIDR
(MSE)AKAVSHHT
;
_entity_poly.pdbx_strand_id   A
#
# COMPACT_ATOMS: atom_id res chain seq x y z
N GLY A 1 -10.86 -18.94 -6.84
CA GLY A 1 -11.64 -18.86 -5.56
C GLY A 1 -10.72 -18.77 -4.36
N GLN A 3 -10.52 -19.22 0.18
CA GLN A 3 -11.14 -19.68 1.41
C GLN A 3 -11.25 -18.52 2.36
N PHE A 4 -12.28 -18.57 3.21
CA PHE A 4 -12.45 -17.60 4.28
C PHE A 4 -12.71 -18.32 5.57
N PRO A 5 -12.21 -17.77 6.68
CA PRO A 5 -12.63 -18.36 7.95
C PRO A 5 -14.09 -17.99 8.23
N SER A 6 -14.71 -18.66 9.21
CA SER A 6 -16.05 -18.29 9.66
C SER A 6 -15.94 -16.87 10.17
N ILE A 7 -17.08 -16.20 10.28
CA ILE A 7 -17.09 -14.87 10.85
C ILE A 7 -16.59 -14.90 12.30
N GLU A 8 -16.84 -16.00 13.00
CA GLU A 8 -16.38 -16.11 14.39
C GLU A 8 -14.85 -16.16 14.44
N ASP A 9 -14.28 -16.96 13.56
CA ASP A 9 -12.82 -17.08 13.48
C ASP A 9 -12.15 -15.79 13.01
N LEU A 10 -12.84 -15.02 12.15
CA LEU A 10 -12.32 -13.69 11.73
C LEU A 10 -12.20 -12.75 12.93
N ARG A 11 -13.25 -12.65 13.72
CA ARG A 11 -13.22 -11.82 14.93
C ARG A 11 -12.13 -12.26 15.91
N ALA A 12 -11.96 -13.57 16.00
CA ALA A 12 -11.01 -14.17 16.90
C ALA A 12 -9.56 -13.93 16.47
N ARG A 13 -9.34 -13.45 15.23
CA ARG A 13 -8.02 -12.97 14.85
C ARG A 13 -7.59 -11.86 15.82
N ASN A 14 -8.56 -11.10 16.34
CA ASN A 14 -8.26 -10.09 17.37
C ASN A 14 -7.18 -9.12 16.96
N THR A 15 -7.31 -8.58 15.74
CA THR A 15 -6.45 -7.55 15.17
C THR A 15 -7.23 -6.22 15.23
N LYS A 17 -8.48 -4.46 12.95
CA LYS A 17 -9.69 -4.45 12.12
C LYS A 17 -10.95 -4.91 12.84
N TRP A 18 -10.80 -5.91 13.69
CA TRP A 18 -11.93 -6.53 14.39
C TRP A 18 -12.17 -5.99 15.77
N THR A 19 -11.31 -5.10 16.27
CA THR A 19 -11.46 -4.62 17.65
C THR A 19 -11.81 -3.12 17.78
N ARG A 20 -11.78 -2.37 16.67
CA ARG A 20 -12.07 -0.94 16.71
C ARG A 20 -13.54 -0.61 16.94
N TYR A 21 -14.45 -1.38 16.33
CA TYR A 21 -15.89 -1.07 16.38
C TYR A 21 -16.61 -2.22 17.05
N GLY A 22 -17.87 -2.00 17.40
CA GLY A 22 -18.63 -3.04 18.10
C GLY A 22 -18.88 -4.33 17.33
N GLN A 23 -19.35 -5.35 18.04
CA GLN A 23 -19.62 -6.67 17.46
C GLN A 23 -20.62 -6.66 16.32
N GLY A 24 -21.53 -5.69 16.31
CA GLY A 24 -22.50 -5.64 15.20
C GLY A 24 -22.04 -4.90 13.94
N VAL A 25 -20.85 -4.30 13.98
CA VAL A 25 -20.39 -3.48 12.88
C VAL A 25 -19.47 -4.28 11.97
N LEU A 26 -19.80 -4.33 10.66
CA LEU A 26 -18.97 -4.99 9.66
C LEU A 26 -17.80 -4.06 9.34
N PRO A 27 -16.55 -4.51 9.58
CA PRO A 27 -15.40 -3.65 9.35
C PRO A 27 -14.84 -3.77 7.92
N LEU A 28 -14.97 -2.67 7.15
CA LEU A 28 -14.47 -2.56 5.79
C LEU A 28 -13.53 -1.35 5.68
N TRP A 29 -12.69 -1.20 6.71
CA TRP A 29 -11.91 0.01 6.87
C TRP A 29 -10.40 -0.29 6.71
N VAL A 30 -9.66 -0.47 7.80
CA VAL A 30 -8.20 -0.67 7.79
C VAL A 30 -7.79 -1.77 6.82
N ALA A 31 -6.64 -1.59 6.18
CA ALA A 31 -6.17 -2.52 5.16
C ALA A 31 -5.54 -3.81 5.73
N GLU A 32 -6.41 -4.68 6.22
CA GLU A 32 -6.15 -6.11 6.44
C GLU A 32 -7.21 -6.83 5.60
N SER A 33 -6.87 -7.99 5.06
CA SER A 33 -7.84 -8.82 4.31
C SER A 33 -8.44 -9.95 5.15
N ASP A 34 -9.57 -10.51 4.69
CA ASP A 34 -10.29 -11.53 5.42
C ASP A 34 -10.09 -12.94 4.85
N PHE A 35 -9.29 -13.06 3.80
CA PHE A 35 -8.95 -14.37 3.24
C PHE A 35 -8.26 -15.21 4.29
N SER A 36 -8.53 -16.52 4.28
CA SER A 36 -7.75 -17.44 5.08
C SER A 36 -6.30 -17.27 4.64
N THR A 37 -5.38 -17.22 5.59
CA THR A 37 -3.97 -16.98 5.27
C THR A 37 -3.43 -17.96 4.24
N CYS A 38 -2.65 -17.46 3.29
CA CYS A 38 -1.98 -18.33 2.30
C CYS A 38 -1.38 -19.57 2.98
N PRO A 39 -1.80 -20.81 2.58
CA PRO A 39 -1.28 -22.01 3.25
C PRO A 39 0.23 -22.12 3.36
N ALA A 40 0.96 -21.67 2.35
CA ALA A 40 2.42 -21.76 2.40
C ALA A 40 3.01 -20.84 3.45
N VAL A 41 2.39 -19.66 3.61
CA VAL A 41 2.85 -18.68 4.56
C VAL A 41 2.47 -19.15 5.97
N LEU A 42 1.24 -19.61 6.15
CA LEU A 42 0.81 -20.09 7.45
C LEU A 42 1.71 -21.24 7.94
N GLN A 43 2.00 -22.19 7.05
CA GLN A 43 2.86 -23.32 7.43
C GLN A 43 4.30 -22.89 7.78
N ALA A 44 4.84 -21.92 7.06
CA ALA A 44 6.19 -21.41 7.36
C ALA A 44 6.22 -20.82 8.78
N ILE A 45 5.20 -20.06 9.12
CA ILE A 45 5.10 -19.43 10.47
C ILE A 45 4.90 -20.50 11.55
N THR A 46 3.98 -21.42 11.27
CA THR A 46 3.71 -22.55 12.16
C THR A 46 4.98 -23.37 12.45
N ASP A 47 5.71 -23.72 11.40
CA ASP A 47 6.96 -24.48 11.55
C ASP A 47 8.03 -23.70 12.34
N ALA A 48 8.14 -22.41 12.06
CA ALA A 48 9.12 -21.56 12.75
C ALA A 48 8.83 -21.48 14.25
N VAL A 49 7.54 -21.43 14.63
CA VAL A 49 7.16 -21.38 16.04
C VAL A 49 7.49 -22.72 16.70
N GLN A 50 7.17 -23.82 16.02
CA GLN A 50 7.49 -25.17 16.52
C GLN A 50 9.00 -25.36 16.70
N ARG A 51 9.77 -24.73 15.83
CA ARG A 51 11.24 -24.74 15.95
C ARG A 51 11.78 -23.74 16.97
N GLU A 52 10.92 -22.88 17.52
CA GLU A 52 11.31 -21.89 18.52
C GLU A 52 12.35 -20.90 17.96
N ALA A 53 12.09 -20.44 16.74
CA ALA A 53 12.89 -19.42 16.05
C ALA A 53 12.55 -18.04 16.61
N PHE A 54 12.93 -17.80 17.88
CA PHE A 54 12.51 -16.58 18.57
C PHE A 54 13.65 -15.65 18.95
N GLY A 55 14.87 -16.02 18.58
CA GLY A 55 16.04 -15.21 18.90
C GLY A 55 16.30 -14.24 17.78
N TYR A 56 17.56 -13.84 17.61
CA TYR A 56 17.93 -12.87 16.58
C TYR A 56 17.99 -13.51 15.20
N GLN A 57 17.91 -12.67 14.19
CA GLN A 57 17.85 -13.19 12.83
C GLN A 57 19.11 -13.89 12.42
N PRO A 58 18.96 -14.98 11.67
CA PRO A 58 20.14 -15.75 11.26
C PRO A 58 20.94 -15.14 10.13
N ASP A 59 22.21 -15.53 10.10
CA ASP A 59 23.07 -15.26 8.96
C ASP A 59 22.58 -16.10 7.78
N GLY A 60 22.92 -15.67 6.58
CA GLY A 60 22.61 -16.46 5.41
C GLY A 60 21.17 -16.39 4.95
N SER A 61 20.49 -15.28 5.23
CA SER A 61 19.11 -15.13 4.74
C SER A 61 19.08 -15.10 3.21
N LEU A 62 18.11 -15.78 2.60
CA LEU A 62 17.93 -15.70 1.16
C LEU A 62 16.66 -14.89 0.83
N LEU A 63 16.23 -14.03 1.75
CA LEU A 63 15.06 -13.18 1.51
C LEU A 63 15.28 -12.17 0.35
N SER A 64 16.47 -11.59 0.26
CA SER A 64 16.79 -10.66 -0.81
C SER A 64 16.70 -11.35 -2.16
N GLN A 65 17.21 -12.59 -2.25
N GLN A 65 17.18 -12.59 -2.18
CA GLN A 65 17.11 -13.37 -3.50
CA GLN A 65 17.17 -13.42 -3.36
C GLN A 65 15.65 -13.66 -3.81
C GLN A 65 15.72 -13.72 -3.77
N ALA A 66 14.89 -14.04 -2.78
CA ALA A 66 13.48 -14.34 -3.00
C ALA A 66 12.73 -13.13 -3.55
N THR A 67 13.05 -11.96 -3.01
CA THR A 67 12.43 -10.70 -3.42
C THR A 67 12.80 -10.41 -4.87
N ALA A 68 14.08 -10.52 -5.18
CA ALA A 68 14.60 -10.28 -6.53
C ALA A 68 13.95 -11.25 -7.52
N GLU A 69 13.83 -12.50 -7.13
CA GLU A 69 13.25 -13.50 -8.02
C GLU A 69 11.77 -13.21 -8.27
N PHE A 70 11.08 -12.69 -7.26
CA PHE A 70 9.66 -12.34 -7.41
C PHE A 70 9.52 -11.14 -8.36
N TYR A 71 10.38 -10.13 -8.17
CA TYR A 71 10.36 -8.95 -9.01
C TYR A 71 10.62 -9.32 -10.47
N ALA A 72 11.57 -10.22 -10.69
CA ALA A 72 11.90 -10.72 -12.04
C ALA A 72 10.73 -11.47 -12.65
N ASP A 73 10.19 -12.44 -11.93
CA ASP A 73 9.10 -13.27 -12.47
C ASP A 73 7.82 -12.48 -12.75
N ARG A 74 7.40 -11.68 -11.78
CA ARG A 74 6.14 -10.97 -11.85
C ARG A 74 6.16 -9.71 -12.69
N TYR A 75 7.26 -8.96 -12.67
CA TYR A 75 7.31 -7.65 -13.34
C TYR A 75 8.37 -7.53 -14.41
N GLY A 76 9.22 -8.55 -14.58
CA GLY A 76 10.33 -8.46 -15.52
C GLY A 76 11.41 -7.48 -15.05
N TYR A 77 11.45 -7.14 -13.76
CA TYR A 77 12.54 -6.30 -13.28
C TYR A 77 13.65 -7.16 -12.66
N GLN A 78 14.85 -7.05 -13.19
CA GLN A 78 16.00 -7.81 -12.71
C GLN A 78 16.67 -7.04 -11.57
N ALA A 79 16.11 -7.15 -10.37
CA ALA A 79 16.64 -6.50 -9.17
C ALA A 79 17.91 -7.20 -8.74
N ARG A 80 18.87 -6.48 -8.14
CA ARG A 80 20.10 -7.11 -7.62
C ARG A 80 19.90 -7.43 -6.15
N PRO A 81 19.96 -8.71 -5.76
CA PRO A 81 19.70 -9.02 -4.36
C PRO A 81 20.65 -8.33 -3.38
N GLU A 82 21.86 -8.01 -3.83
CA GLU A 82 22.82 -7.35 -2.96
C GLU A 82 22.45 -5.89 -2.70
N TRP A 83 21.41 -5.40 -3.37
CA TRP A 83 20.92 -4.04 -3.18
C TRP A 83 19.56 -4.05 -2.48
N ILE A 84 19.13 -5.22 -2.00
CA ILE A 84 17.85 -5.37 -1.30
C ILE A 84 18.12 -5.63 0.17
N PHE A 85 17.42 -4.91 1.05
CA PHE A 85 17.63 -5.00 2.47
C PHE A 85 16.33 -5.08 3.25
N PRO A 86 16.36 -5.75 4.41
CA PRO A 86 15.15 -5.82 5.26
C PRO A 86 14.95 -4.54 6.09
N ILE A 87 13.70 -4.28 6.45
CA ILE A 87 13.30 -3.18 7.30
C ILE A 87 12.04 -3.64 7.98
N PRO A 88 11.68 -2.99 9.09
CA PRO A 88 10.47 -3.44 9.79
C PRO A 88 9.15 -3.28 9.06
N ASP A 89 9.05 -2.19 8.30
CA ASP A 89 7.84 -1.90 7.55
C ASP A 89 8.09 -0.81 6.50
N VAL A 90 7.15 -0.63 5.58
CA VAL A 90 7.33 0.25 4.44
C VAL A 90 7.42 1.71 4.89
N VAL A 91 6.59 2.12 5.83
CA VAL A 91 6.65 3.52 6.26
C VAL A 91 7.97 3.83 6.95
N ARG A 92 8.53 2.84 7.66
CA ARG A 92 9.84 3.06 8.27
C ARG A 92 10.90 3.24 7.18
N GLY A 93 10.79 2.47 6.09
CA GLY A 93 11.70 2.66 4.97
C GLY A 93 11.62 4.07 4.38
N LEU A 94 10.42 4.58 4.20
CA LEU A 94 10.22 5.94 3.69
C LEU A 94 10.75 7.01 4.64
N TYR A 95 10.62 6.74 5.92
CA TYR A 95 11.15 7.61 6.97
C TYR A 95 12.69 7.71 6.83
N ILE A 96 13.36 6.56 6.74
CA ILE A 96 14.82 6.54 6.58
C ILE A 96 15.21 7.19 5.26
N ALA A 97 14.45 6.89 4.21
CA ALA A 97 14.71 7.47 2.90
C ALA A 97 14.65 9.02 2.91
N ILE A 98 13.61 9.59 3.51
CA ILE A 98 13.50 11.05 3.57
C ILE A 98 14.62 11.60 4.44
N ASP A 99 14.79 11.00 5.63
CA ASP A 99 15.73 11.51 6.59
C ASP A 99 17.20 11.43 6.15
N HIS A 100 17.54 10.38 5.40
CA HIS A 100 18.93 10.14 5.02
C HIS A 100 19.27 10.25 3.56
N PHE A 101 18.29 10.29 2.65
CA PHE A 101 18.55 10.34 1.22
C PHE A 101 17.99 11.59 0.51
N THR A 102 17.49 12.55 1.29
CA THR A 102 17.05 13.82 0.73
C THR A 102 17.68 14.91 1.60
N PRO A 103 17.93 16.10 1.04
CA PRO A 103 18.59 17.12 1.82
C PRO A 103 17.81 17.58 3.05
N ALA A 104 18.53 17.91 4.12
CA ALA A 104 17.90 18.33 5.35
C ALA A 104 16.96 19.50 5.10
N GLN A 105 15.79 19.40 5.72
CA GLN A 105 14.71 20.39 5.65
C GLN A 105 14.02 20.54 4.31
N SER A 106 14.39 19.74 3.31
CA SER A 106 13.81 19.91 1.97
C SER A 106 12.34 19.46 1.95
N LYS A 107 11.49 20.23 1.27
CA LYS A 107 10.09 19.86 1.12
C LYS A 107 9.92 18.58 0.33
N VAL A 108 8.78 17.92 0.56
CA VAL A 108 8.44 16.60 0.00
C VAL A 108 7.09 16.72 -0.70
N ILE A 109 7.02 16.35 -1.99
CA ILE A 109 5.76 16.40 -2.70
C ILE A 109 4.98 15.19 -2.30
N VAL A 110 3.75 15.42 -1.85
CA VAL A 110 2.87 14.33 -1.42
C VAL A 110 1.55 14.43 -2.19
N PRO A 111 1.32 13.51 -3.15
CA PRO A 111 0.03 13.58 -3.84
C PRO A 111 -1.12 13.23 -2.90
N THR A 112 -2.29 13.84 -3.13
CA THR A 112 -3.49 13.59 -2.37
C THR A 112 -4.67 13.22 -3.27
N PRO A 113 -5.63 12.42 -2.76
CA PRO A 113 -5.72 11.89 -1.39
C PRO A 113 -4.56 10.97 -1.07
N ALA A 114 -4.06 11.06 0.17
CA ALA A 114 -2.84 10.37 0.59
C ALA A 114 -3.07 9.31 1.67
N TYR A 115 -2.40 8.18 1.54
CA TYR A 115 -2.34 7.17 2.62
C TYR A 115 -2.13 7.93 3.94
N PRO A 116 -3.09 7.82 4.88
CA PRO A 116 -3.05 8.71 6.02
C PRO A 116 -1.74 8.75 6.82
N PRO A 117 -1.07 7.60 7.05
CA PRO A 117 0.23 7.70 7.70
C PRO A 117 1.24 8.66 7.05
N PHE A 118 1.08 9.02 5.78
CA PHE A 118 2.02 9.96 5.15
C PHE A 118 2.05 11.31 5.84
N PHE A 119 0.94 11.72 6.44
CA PHE A 119 0.91 12.99 7.18
C PHE A 119 1.76 12.83 8.46
N HIS A 120 1.72 11.65 9.07
CA HIS A 120 2.60 11.37 10.22
C HIS A 120 4.05 11.24 9.82
N LEU A 121 4.30 10.81 8.58
CA LEU A 121 5.65 10.70 8.08
C LEU A 121 6.23 12.09 7.98
N LEU A 122 5.44 13.04 7.48
CA LEU A 122 5.91 14.44 7.38
C LEU A 122 6.23 15.08 8.76
N SER A 123 5.41 14.78 9.76
CA SER A 123 5.63 15.33 11.09
C SER A 123 6.85 14.67 11.72
N ALA A 124 7.01 13.36 11.52
CA ALA A 124 8.17 12.64 12.05
C ALA A 124 9.46 13.13 11.43
N THR A 125 9.49 13.38 10.12
CA THR A 125 10.71 13.86 9.44
C THR A 125 10.89 15.38 9.55
N GLN A 126 9.88 16.06 10.06
CA GLN A 126 9.85 17.53 10.16
C GLN A 126 10.00 18.23 8.82
N ARG A 127 9.32 17.70 7.80
CA ARG A 127 9.35 18.26 6.46
C ARG A 127 7.97 18.79 6.12
N GLU A 128 7.95 19.89 5.38
CA GLU A 128 6.73 20.48 4.88
C GLU A 128 6.33 19.78 3.59
N GLY A 129 5.06 19.39 3.50
CA GLY A 129 4.54 18.73 2.30
C GLY A 129 4.13 19.76 1.25
N ILE A 130 4.26 19.39 -0.03
CA ILE A 130 3.67 20.17 -1.12
C ILE A 130 2.65 19.20 -1.67
N PHE A 131 1.37 19.54 -1.50
CA PHE A 131 0.29 18.64 -1.87
C PHE A 131 -0.19 18.89 -3.31
N ILE A 132 -0.29 17.82 -4.10
CA ILE A 132 -0.80 17.95 -5.48
C ILE A 132 -1.94 16.95 -5.62
N ASP A 133 -2.94 17.28 -6.44
CA ASP A 133 -4.12 16.42 -6.59
C ASP A 133 -3.89 15.25 -7.55
N ALA A 134 -4.02 14.03 -7.03
CA ALA A 134 -3.84 12.81 -7.80
C ALA A 134 -5.19 12.25 -8.36
N THR A 135 -6.29 12.92 -8.05
CA THR A 135 -7.61 12.49 -8.53
C THR A 135 -7.62 12.49 -10.02
N GLY A 136 -7.94 11.34 -10.62
CA GLY A 136 -7.98 11.21 -12.10
C GLY A 136 -6.61 11.05 -12.73
N GLY A 137 -5.58 10.99 -11.90
CA GLY A 137 -4.20 10.87 -12.33
C GLY A 137 -3.36 12.05 -11.86
N ILE A 138 -2.04 11.95 -12.05
CA ILE A 138 -1.08 12.99 -11.68
C ILE A 138 -0.58 13.77 -12.89
N ASN A 139 -0.74 15.09 -12.86
CA ASN A 139 -0.20 15.99 -13.87
C ASN A 139 1.25 16.30 -13.57
N LEU A 140 2.15 15.92 -14.48
CA LEU A 140 3.57 16.24 -14.34
C LEU A 140 3.85 17.73 -14.16
N HIS A 141 3.00 18.60 -14.69
CA HIS A 141 3.16 20.02 -14.46
C HIS A 141 3.05 20.41 -12.97
N ASP A 142 2.17 19.73 -12.24
CA ASP A 142 2.03 19.95 -10.81
C ASP A 142 3.29 19.48 -10.08
N VAL A 143 3.83 18.36 -10.52
CA VAL A 143 5.10 17.88 -9.98
C VAL A 143 6.24 18.87 -10.24
N GLU A 144 6.36 19.39 -11.46
CA GLU A 144 7.44 20.35 -11.74
C GLU A 144 7.34 21.63 -10.89
N LYS A 145 6.11 22.11 -10.71
CA LYS A 145 5.88 23.27 -9.88
C LYS A 145 6.33 23.03 -8.44
N GLY A 146 6.10 21.83 -7.94
CA GLY A 146 6.58 21.47 -6.60
C GLY A 146 8.09 21.53 -6.48
N PHE A 147 8.78 20.96 -7.47
CA PHE A 147 10.25 21.01 -7.48
C PHE A 147 10.74 22.44 -7.64
N GLN A 148 10.05 23.25 -8.44
CA GLN A 148 10.39 24.66 -8.59
C GLN A 148 10.17 25.44 -7.29
N ALA A 149 9.25 24.96 -6.46
CA ALA A 149 8.98 25.56 -5.15
C ALA A 149 9.95 25.05 -4.07
N GLY A 150 10.92 24.22 -4.47
CA GLY A 150 11.93 23.71 -3.54
C GLY A 150 11.90 22.25 -3.12
N ALA A 151 10.88 21.49 -3.50
CA ALA A 151 10.83 20.09 -3.10
C ALA A 151 12.02 19.31 -3.66
N ARG A 152 12.54 18.34 -2.91
CA ARG A 152 13.66 17.53 -3.43
C ARG A 152 13.37 16.02 -3.45
N SER A 153 12.10 15.67 -3.33
CA SER A 153 11.66 14.30 -3.43
C SER A 153 10.16 14.32 -3.62
N ILE A 154 9.63 13.23 -4.17
CA ILE A 154 8.21 12.98 -4.27
C ILE A 154 7.95 11.59 -3.73
N LEU A 155 6.88 11.46 -2.96
CA LEU A 155 6.43 10.16 -2.50
C LEU A 155 5.42 9.66 -3.51
N LEU A 156 5.70 8.53 -4.16
CA LEU A 156 4.84 8.01 -5.18
C LEU A 156 4.36 6.59 -4.86
N CYS A 157 3.08 6.47 -4.52
CA CYS A 157 2.46 5.17 -4.39
C CYS A 157 2.17 4.63 -5.79
N ASN A 158 2.71 3.48 -6.12
CA ASN A 158 2.44 2.83 -7.39
C ASN A 158 2.44 1.34 -7.17
N PRO A 159 1.26 0.71 -7.22
CA PRO A 159 -0.06 1.30 -7.47
C PRO A 159 -0.48 2.36 -6.47
N TYR A 160 -1.29 3.31 -6.93
CA TYR A 160 -1.70 4.45 -6.14
C TYR A 160 -2.99 4.20 -5.37
N ASN A 161 -2.82 3.95 -4.08
CA ASN A 161 -3.92 3.88 -3.15
C ASN A 161 -4.14 5.28 -2.59
N PRO A 162 -5.43 5.68 -2.34
CA PRO A 162 -6.66 4.88 -2.44
C PRO A 162 -7.42 4.88 -3.76
N LEU A 163 -6.78 5.34 -4.84
CA LEU A 163 -7.46 5.52 -6.13
C LEU A 163 -7.37 4.29 -7.06
N GLY A 164 -6.65 3.26 -6.64
CA GLY A 164 -6.54 2.06 -7.45
C GLY A 164 -5.81 2.20 -8.79
N VAL A 166 -2.63 2.50 -11.69
CA VAL A 166 -1.40 1.85 -12.12
C VAL A 166 -0.74 2.78 -13.14
N PHE A 167 0.41 3.35 -12.79
CA PHE A 167 1.05 4.30 -13.66
C PHE A 167 1.70 3.63 -14.86
N ALA A 168 1.65 4.34 -15.99
CA ALA A 168 2.20 3.91 -17.26
C ALA A 168 3.71 4.06 -17.27
N PRO A 169 4.41 3.19 -18.02
CA PRO A 169 5.86 3.21 -18.01
C PRO A 169 6.47 4.51 -18.57
N GLU A 170 5.93 5.04 -19.67
CA GLU A 170 6.49 6.27 -20.24
C GLU A 170 6.26 7.47 -19.32
N TRP A 171 5.20 7.41 -18.52
CA TRP A 171 4.94 8.44 -17.50
C TRP A 171 5.98 8.40 -16.37
N LEU A 172 6.26 7.19 -15.88
CA LEU A 172 7.30 7.02 -14.88
C LEU A 172 8.64 7.45 -15.45
N ASN A 173 8.86 7.18 -16.72
CA ASN A 173 10.12 7.59 -17.33
C ASN A 173 10.31 9.11 -17.32
N GLU A 174 9.29 9.85 -17.78
CA GLU A 174 9.35 11.31 -17.72
C GLU A 174 9.39 11.89 -16.27
N LEU A 175 8.66 11.29 -15.34
CA LEU A 175 8.74 11.69 -13.94
C LEU A 175 10.18 11.63 -13.45
N CYS A 176 10.89 10.55 -13.77
CA CYS A 176 12.26 10.40 -13.29
C CYS A 176 13.22 11.33 -13.97
N ASP A 177 13.05 11.59 -15.26
CA ASP A 177 13.83 12.61 -15.96
C ASP A 177 13.62 13.98 -15.33
N LEU A 178 12.38 14.32 -15.01
CA LEU A 178 12.00 15.59 -14.36
C LEU A 178 12.68 15.70 -13.00
N ALA A 179 12.52 14.67 -12.16
CA ALA A 179 13.20 14.66 -10.86
C ALA A 179 14.70 14.89 -10.98
N HIS A 180 15.32 14.22 -11.93
CA HIS A 180 16.76 14.37 -12.14
C HIS A 180 17.15 15.81 -12.52
N ARG A 181 16.35 16.47 -13.34
CA ARG A 181 16.61 17.87 -13.67
C ARG A 181 16.58 18.79 -12.46
N TYR A 182 15.90 18.40 -11.40
CA TYR A 182 15.84 19.18 -10.19
C TYR A 182 16.59 18.54 -9.00
N ASP A 183 17.50 17.61 -9.29
N ASP A 183 17.51 17.62 -9.29
CA ASP A 183 18.28 16.92 -8.25
CA ASP A 183 18.25 16.91 -8.24
C ASP A 183 17.37 16.32 -7.16
C ASP A 183 17.32 16.41 -7.15
N ALA A 184 16.25 15.75 -7.57
CA ALA A 184 15.26 15.20 -6.64
C ALA A 184 15.20 13.66 -6.69
N ARG A 185 14.70 13.05 -5.62
CA ARG A 185 14.54 11.62 -5.57
C ARG A 185 13.06 11.23 -5.74
N VAL A 186 12.80 10.05 -6.30
CA VAL A 186 11.45 9.49 -6.37
C VAL A 186 11.41 8.29 -5.42
N LEU A 187 10.59 8.42 -4.39
CA LEU A 187 10.46 7.42 -3.34
C LEU A 187 9.21 6.65 -3.67
N VAL A 188 9.38 5.48 -4.26
CA VAL A 188 8.27 4.70 -4.81
C VAL A 188 7.81 3.64 -3.82
N ASP A 189 6.57 3.77 -3.37
CA ASP A 189 5.93 2.85 -2.45
C ASP A 189 5.14 1.82 -3.28
N GLU A 190 5.69 0.61 -3.42
CA GLU A 190 5.12 -0.45 -4.26
C GLU A 190 4.48 -1.56 -3.44
N ILE A 191 4.00 -1.24 -2.24
CA ILE A 191 3.39 -2.27 -1.37
C ILE A 191 2.17 -2.95 -1.99
N HIS A 192 1.45 -2.25 -2.88
CA HIS A 192 0.27 -2.83 -3.52
C HIS A 192 0.55 -3.47 -4.87
N ALA A 193 1.80 -3.48 -5.30
CA ALA A 193 2.16 -3.97 -6.65
C ALA A 193 1.75 -5.41 -6.97
N PRO A 194 1.79 -6.33 -5.99
CA PRO A 194 1.30 -7.67 -6.29
C PRO A 194 -0.18 -7.73 -6.61
N LEU A 195 -0.91 -6.66 -6.28
CA LEU A 195 -2.37 -6.68 -6.36
C LEU A 195 -2.97 -5.95 -7.56
N VAL A 196 -2.31 -5.98 -8.71
CA VAL A 196 -2.86 -5.40 -9.91
C VAL A 196 -3.81 -6.41 -10.56
N PHE A 197 -5.03 -6.02 -10.87
CA PHE A 197 -5.98 -6.96 -11.49
C PHE A 197 -6.45 -6.53 -12.90
N ASP A 198 -6.05 -5.35 -13.34
CA ASP A 198 -6.38 -4.90 -14.69
C ASP A 198 -5.25 -4.01 -15.15
N GLY A 199 -4.26 -4.61 -15.78
CA GLY A 199 -3.11 -3.90 -16.32
C GLY A 199 -1.87 -4.61 -15.84
N GLN A 200 -0.73 -3.92 -15.89
CA GLN A 200 0.51 -4.48 -15.42
C GLN A 200 1.31 -3.46 -14.62
N HIS A 201 1.87 -3.90 -13.51
CA HIS A 201 2.73 -3.05 -12.72
C HIS A 201 4.04 -2.85 -13.45
N THR A 202 4.49 -1.58 -13.53
CA THR A 202 5.84 -1.27 -13.98
C THR A 202 6.66 -0.84 -12.77
N VAL A 203 7.85 -1.42 -12.61
CA VAL A 203 8.81 -0.94 -11.61
C VAL A 203 9.52 0.31 -12.16
N ALA A 204 9.22 1.46 -11.58
CA ALA A 204 9.75 2.76 -12.04
C ALA A 204 11.28 2.74 -12.14
N ALA A 205 11.92 2.13 -11.16
CA ALA A 205 13.37 2.09 -11.09
C ALA A 205 14.00 1.43 -12.32
N GLY A 206 13.23 0.65 -13.07
CA GLY A 206 13.78 -0.04 -14.23
C GLY A 206 13.45 0.53 -15.58
N VAL A 207 12.75 1.66 -15.65
CA VAL A 207 12.35 2.19 -16.96
C VAL A 207 13.49 2.91 -17.69
N SER A 208 14.55 3.30 -16.99
CA SER A 208 15.68 3.96 -17.62
C SER A 208 16.85 3.97 -16.67
N ASP A 209 18.00 4.34 -17.19
CA ASP A 209 19.19 4.54 -16.38
C ASP A 209 19.02 5.72 -15.44
N THR A 210 18.33 6.77 -15.91
CA THR A 210 18.02 7.92 -15.06
C THR A 210 17.13 7.46 -13.88
N ALA A 211 16.08 6.71 -14.17
CA ALA A 211 15.19 6.14 -13.14
C ALA A 211 15.94 5.32 -12.11
N ALA A 212 16.88 4.49 -12.56
CA ALA A 212 17.69 3.67 -11.65
C ALA A 212 18.43 4.56 -10.64
N SER A 213 18.89 5.72 -11.10
N SER A 213 18.88 5.73 -11.12
CA SER A 213 19.59 6.65 -10.22
CA SER A 213 19.62 6.69 -10.29
C SER A 213 18.67 7.42 -9.28
C SER A 213 18.77 7.60 -9.41
N VAL A 214 17.49 7.80 -9.75
CA VAL A 214 16.63 8.68 -8.93
C VAL A 214 15.68 7.98 -7.98
N CYS A 215 15.28 6.74 -8.30
CA CYS A 215 14.36 6.01 -7.48
C CYS A 215 14.98 5.29 -6.29
N ILE A 216 14.17 5.19 -5.23
CA ILE A 216 14.41 4.29 -4.09
C ILE A 216 13.06 3.56 -3.99
N THR A 217 13.09 2.24 -4.04
CA THR A 217 11.85 1.45 -4.15
C THR A 217 11.60 0.69 -2.88
N ILE A 218 10.39 0.80 -2.33
CA ILE A 218 10.07 0.20 -1.03
C ILE A 218 8.78 -0.62 -1.15
N THR A 219 8.84 -1.87 -0.67
CA THR A 219 7.72 -2.81 -0.78
C THR A 219 7.69 -3.79 0.40
N ALA A 220 6.65 -4.62 0.42
CA ALA A 220 6.50 -5.71 1.40
C ALA A 220 5.46 -6.66 0.89
N PRO A 221 5.47 -7.90 1.40
CA PRO A 221 4.40 -8.87 1.12
C PRO A 221 3.24 -8.71 2.09
N SER A 222 3.31 -7.73 2.96
CA SER A 222 2.33 -7.57 3.99
C SER A 222 0.87 -7.31 3.51
N ALA A 224 -0.49 -8.06 0.27
CA ALA A 224 -0.95 -9.13 -0.58
C ALA A 224 -1.11 -10.48 0.15
N TRP A 225 -0.34 -10.67 1.21
CA TRP A 225 -0.40 -11.92 1.94
C TRP A 225 -0.79 -11.71 3.41
N ASN A 226 -1.18 -10.48 3.75
CA ASN A 226 -1.80 -10.19 5.01
C ASN A 226 -1.01 -10.59 6.26
N ILE A 227 0.20 -10.01 6.35
CA ILE A 227 1.09 -10.27 7.47
C ILE A 227 1.69 -8.97 8.03
N ALA A 228 0.95 -7.88 8.00
CA ALA A 228 1.43 -6.57 8.46
C ALA A 228 1.96 -6.62 9.88
N GLY A 229 1.35 -7.41 10.73
CA GLY A 229 1.79 -7.44 12.11
C GLY A 229 3.09 -8.17 12.36
N LEU A 230 3.66 -8.81 11.32
CA LEU A 230 4.88 -9.55 11.47
C LEU A 230 6.13 -8.74 11.17
N LYS A 231 5.96 -7.50 10.73
CA LYS A 231 7.09 -6.59 10.57
C LYS A 231 8.27 -7.08 9.68
N CYS A 232 8.04 -7.09 8.38
CA CYS A 232 9.10 -7.35 7.43
C CYS A 232 8.76 -6.74 6.10
N ALA A 233 9.57 -5.77 5.68
CA ALA A 233 9.42 -5.13 4.42
C ALA A 233 10.80 -5.11 3.79
N GLN A 234 10.85 -4.64 2.56
CA GLN A 234 12.10 -4.62 1.79
C GLN A 234 12.35 -3.27 1.17
N ILE A 235 13.61 -2.86 1.23
CA ILE A 235 14.09 -1.68 0.54
C ILE A 235 14.94 -2.18 -0.64
N ILE A 236 14.58 -1.72 -1.82
CA ILE A 236 15.20 -2.16 -3.06
C ILE A 236 15.94 -0.99 -3.71
N PHE A 237 17.24 -0.98 -3.58
CA PHE A 237 18.03 0.08 -4.22
C PHE A 237 18.32 -0.28 -5.67
N SER A 238 18.51 0.73 -6.50
CA SER A 238 18.74 0.49 -7.93
C SER A 238 20.05 1.10 -8.46
N ASN A 239 20.94 1.50 -7.56
CA ASN A 239 22.26 2.00 -7.91
C ASN A 239 23.21 1.75 -6.74
N PRO A 240 24.50 1.56 -7.03
CA PRO A 240 25.47 1.21 -5.98
C PRO A 240 25.72 2.28 -4.92
N SER A 241 25.55 3.55 -5.28
CA SER A 241 25.85 4.60 -4.33
C SER A 241 24.81 4.61 -3.21
N ASP A 242 23.52 4.41 -3.55
CA ASP A 242 22.50 4.30 -2.49
C ASP A 242 22.74 3.10 -1.60
N ALA A 243 23.10 1.97 -2.18
CA ALA A 243 23.36 0.76 -1.37
C ALA A 243 24.54 0.95 -0.43
N GLU A 244 25.58 1.63 -0.91
N GLU A 244 25.60 1.62 -0.87
CA GLU A 244 26.73 1.94 -0.08
CA GLU A 244 26.72 1.86 0.02
C GLU A 244 26.33 2.86 1.07
C GLU A 244 26.35 2.87 1.11
N HIS A 245 25.52 3.86 0.76
CA HIS A 245 25.08 4.84 1.76
C HIS A 245 24.24 4.13 2.85
N TRP A 246 23.36 3.24 2.43
CA TRP A 246 22.60 2.41 3.36
C TRP A 246 23.49 1.59 4.29
N GLN A 247 24.48 0.93 3.70
CA GLN A 247 25.39 0.10 4.47
C GLN A 247 26.19 0.91 5.48
N GLN A 248 26.44 2.18 5.19
CA GLN A 248 27.18 3.06 6.12
C GLN A 248 26.33 3.58 7.29
N LEU A 249 25.02 3.44 7.22
CA LEU A 249 24.16 3.88 8.31
C LEU A 249 24.35 3.01 9.55
N SER A 250 24.26 3.62 10.72
CA SER A 250 24.27 2.87 11.96
C SER A 250 23.22 1.75 11.92
N PRO A 251 23.59 0.56 12.40
CA PRO A 251 22.59 -0.53 12.50
C PRO A 251 21.34 -0.14 13.25
N VAL A 252 21.46 0.72 14.26
CA VAL A 252 20.30 1.14 15.04
C VAL A 252 19.27 1.83 14.13
N ILE A 253 19.73 2.48 13.06
CA ILE A 253 18.78 3.16 12.17
C ILE A 253 17.96 2.15 11.36
N LYS A 254 18.59 1.03 11.01
CA LYS A 254 18.05 0.05 10.08
C LYS A 254 17.35 -1.18 10.68
N ASP A 255 17.47 -1.38 11.99
N ASP A 255 17.42 -1.30 12.02
CA ASP A 255 16.96 -2.62 12.54
CA ASP A 255 16.92 -2.46 12.75
C ASP A 255 15.49 -2.51 12.91
C ASP A 255 15.41 -2.49 12.85
N GLY A 256 14.87 -3.65 13.20
CA GLY A 256 13.45 -3.72 13.55
C GLY A 256 12.68 -4.88 13.03
N ALA A 257 13.11 -5.48 11.94
CA ALA A 257 12.34 -6.56 11.34
C ALA A 257 12.28 -7.71 12.32
N SER A 258 11.16 -8.41 12.35
CA SER A 258 11.02 -9.55 13.24
C SER A 258 11.49 -10.85 12.58
N THR A 259 11.95 -11.75 13.42
CA THR A 259 12.50 -13.03 12.96
C THR A 259 11.45 -13.87 12.21
N LEU A 260 10.27 -13.96 12.81
CA LEU A 260 9.13 -14.62 12.20
C LEU A 260 8.68 -13.90 10.94
N GLY A 261 8.77 -12.58 10.94
CA GLY A 261 8.39 -11.82 9.74
C GLY A 261 9.32 -12.08 8.55
N LEU A 262 10.62 -12.22 8.80
CA LEU A 262 11.57 -12.55 7.75
C LEU A 262 11.20 -13.90 7.13
N ILE A 263 10.84 -14.85 7.98
CA ILE A 263 10.46 -16.19 7.54
C ILE A 263 9.14 -16.16 6.73
N ALA A 264 8.12 -15.47 7.23
CA ALA A 264 6.82 -15.33 6.55
C ALA A 264 6.97 -14.66 5.15
N ALA A 265 7.74 -13.58 5.11
CA ALA A 265 7.97 -12.82 3.87
C ALA A 265 8.66 -13.67 2.81
N GLU A 266 9.72 -14.37 3.20
CA GLU A 266 10.39 -15.25 2.27
C GLU A 266 9.45 -16.33 1.71
N ALA A 267 8.61 -16.90 2.58
CA ALA A 267 7.67 -17.95 2.13
C ALA A 267 6.63 -17.38 1.14
N ALA A 268 6.14 -16.17 1.45
CA ALA A 268 5.20 -15.44 0.57
C ALA A 268 5.82 -15.30 -0.83
N TYR A 269 7.04 -14.79 -0.89
CA TYR A 269 7.68 -14.53 -2.17
C TYR A 269 8.04 -15.81 -2.93
N ARG A 270 8.50 -16.82 -2.21
CA ARG A 270 8.88 -18.10 -2.85
C ARG A 270 7.71 -19.00 -3.26
N TYR A 271 6.67 -19.06 -2.43
CA TYR A 271 5.61 -20.05 -2.60
C TYR A 271 4.20 -19.49 -2.67
N GLY A 272 4.07 -18.18 -2.58
CA GLY A 272 2.74 -17.56 -2.56
C GLY A 272 2.10 -17.10 -3.83
N THR A 273 2.71 -17.34 -5.00
CA THR A 273 2.17 -16.84 -6.26
C THR A 273 0.85 -17.45 -6.70
N ASP A 274 0.68 -18.75 -6.54
CA ASP A 274 -0.58 -19.35 -6.94
C ASP A 274 -1.72 -18.70 -6.17
N PHE A 275 -1.53 -18.54 -4.86
CA PHE A 275 -2.53 -17.93 -3.99
C PHE A 275 -2.76 -16.48 -4.44
N LEU A 276 -1.69 -15.75 -4.71
CA LEU A 276 -1.79 -14.40 -5.20
C LEU A 276 -2.66 -14.31 -6.45
N ASN A 277 -2.44 -15.20 -7.42
CA ASN A 277 -3.25 -15.14 -8.61
C ASN A 277 -4.74 -15.37 -8.34
N GLN A 278 -5.07 -16.26 -7.42
CA GLN A 278 -6.46 -16.51 -7.08
C GLN A 278 -7.03 -15.30 -6.31
N GLU A 279 -6.20 -14.70 -5.47
CA GLU A 279 -6.61 -13.53 -4.71
C GLU A 279 -7.01 -12.38 -5.65
N VAL A 280 -6.16 -12.12 -6.62
CA VAL A 280 -6.35 -11.03 -7.56
C VAL A 280 -7.59 -11.23 -8.43
N ALA A 281 -7.84 -12.48 -8.83
CA ALA A 281 -9.05 -12.84 -9.59
C ALA A 281 -10.32 -12.55 -8.75
N TYR A 282 -10.26 -12.89 -7.45
CA TYR A 282 -11.38 -12.69 -6.53
C TYR A 282 -11.65 -11.17 -6.29
N LEU A 283 -10.57 -10.41 -6.11
CA LEU A 283 -10.65 -8.95 -6.00
C LEU A 283 -11.23 -8.26 -7.25
N LYS A 284 -10.81 -8.70 -8.44
CA LYS A 284 -11.36 -8.14 -9.66
C LYS A 284 -12.86 -8.36 -9.71
N ASN A 285 -13.31 -9.55 -9.35
CA ASN A 285 -14.75 -9.82 -9.33
C ASN A 285 -15.51 -8.99 -8.31
N ASN A 286 -14.96 -8.87 -7.11
CA ASN A 286 -15.56 -8.00 -6.10
C ASN A 286 -15.65 -6.55 -6.60
N HIS A 287 -14.58 -6.08 -7.23
CA HIS A 287 -14.54 -4.72 -7.78
C HIS A 287 -15.63 -4.51 -8.83
N ASP A 288 -15.77 -5.43 -9.77
CA ASP A 288 -16.75 -5.29 -10.83
C ASP A 288 -18.18 -5.28 -10.21
N PHE A 289 -18.41 -6.13 -9.24
CA PHE A 289 -19.68 -6.19 -8.53
C PHE A 289 -20.03 -4.87 -7.83
N LEU A 290 -19.10 -4.36 -7.03
CA LEU A 290 -19.29 -3.12 -6.30
C LEU A 290 -19.46 -1.89 -7.20
N LEU A 291 -18.66 -1.84 -8.25
CA LEU A 291 -18.72 -0.75 -9.21
C LEU A 291 -20.12 -0.59 -9.82
N HIS A 292 -20.76 -1.71 -10.15
N HIS A 292 -20.79 -1.70 -10.10
CA HIS A 292 -22.11 -1.70 -10.70
CA HIS A 292 -22.10 -1.63 -10.71
C HIS A 292 -23.18 -1.44 -9.64
C HIS A 292 -23.28 -1.61 -9.73
N GLU A 293 -23.12 -2.16 -8.53
CA GLU A 293 -24.23 -2.16 -7.57
C GLU A 293 -24.28 -0.97 -6.62
N ILE A 294 -23.12 -0.47 -6.21
CA ILE A 294 -23.16 0.59 -5.20
C ILE A 294 -24.00 1.80 -5.68
N PRO A 295 -23.72 2.31 -6.87
CA PRO A 295 -24.54 3.43 -7.36
C PRO A 295 -26.04 3.16 -7.51
N LYS A 296 -26.41 1.91 -7.75
CA LYS A 296 -27.81 1.54 -7.90
C LYS A 296 -28.57 1.45 -6.58
N ARG A 297 -27.87 1.13 -5.51
CA ARG A 297 -28.48 0.89 -4.18
C ARG A 297 -28.26 2.02 -3.19
N ILE A 298 -27.24 2.85 -3.42
CA ILE A 298 -26.86 3.92 -2.50
C ILE A 298 -26.81 5.15 -3.37
N PRO A 299 -27.97 5.79 -3.62
CA PRO A 299 -28.08 6.90 -4.57
C PRO A 299 -27.17 8.06 -4.29
N GLY A 300 -26.47 8.48 -5.33
CA GLY A 300 -25.55 9.57 -5.26
C GLY A 300 -24.11 9.14 -5.07
N ALA A 301 -23.88 7.90 -4.63
CA ALA A 301 -22.53 7.37 -4.49
C ALA A 301 -21.87 7.25 -5.88
N LYS A 302 -20.63 7.72 -6.02
CA LYS A 302 -19.91 7.62 -7.29
C LYS A 302 -18.56 6.97 -7.11
N ILE A 303 -18.16 6.12 -8.06
CA ILE A 303 -16.93 5.35 -7.95
C ILE A 303 -16.25 5.34 -9.30
N THR A 304 -14.94 5.56 -9.31
CA THR A 304 -14.15 5.49 -10.51
C THR A 304 -13.53 4.10 -10.65
N PRO A 305 -13.60 3.49 -11.85
CA PRO A 305 -13.03 2.16 -12.03
C PRO A 305 -11.55 2.11 -11.70
N GLN A 307 -7.77 -0.34 -11.18
N GLN A 307 -7.77 -0.31 -11.14
CA GLN A 307 -6.92 -1.32 -11.86
CA GLN A 307 -6.84 -1.15 -11.86
C GLN A 307 -6.14 -2.20 -10.87
C GLN A 307 -6.02 -2.08 -10.91
N ALA A 308 -6.06 -1.78 -9.60
CA ALA A 308 -5.25 -2.46 -8.59
C ALA A 308 -5.73 -2.14 -7.20
N THR A 309 -5.23 -2.91 -6.22
CA THR A 309 -5.51 -2.80 -4.77
C THR A 309 -6.90 -3.34 -4.41
N TYR A 310 -7.14 -3.45 -3.12
CA TYR A 310 -8.46 -3.80 -2.59
C TYR A 310 -9.16 -2.65 -1.85
N LEU A 311 -8.76 -1.42 -2.17
CA LEU A 311 -9.26 -0.21 -1.46
C LEU A 311 -9.98 0.71 -2.44
N TRP A 313 -12.27 4.01 -3.28
CA TRP A 313 -12.56 5.36 -2.92
C TRP A 313 -13.98 5.71 -3.42
N ILE A 314 -14.90 6.00 -2.52
CA ILE A 314 -16.29 6.28 -2.89
C ILE A 314 -16.61 7.72 -2.54
N ASP A 315 -17.10 8.43 -3.54
CA ASP A 315 -17.55 9.82 -3.37
C ASP A 315 -19.02 9.83 -2.92
N PHE A 316 -19.28 10.41 -1.76
CA PHE A 316 -20.66 10.58 -1.26
C PHE A 316 -21.11 12.03 -1.28
N ARG A 317 -20.37 12.90 -1.97
CA ARG A 317 -20.73 14.32 -1.98
C ARG A 317 -22.05 14.65 -2.68
N ASP A 318 -22.50 13.77 -3.59
CA ASP A 318 -23.80 13.95 -4.27
C ASP A 318 -24.97 13.30 -3.53
N THR A 319 -24.70 12.76 -2.35
CA THR A 319 -25.75 12.38 -1.47
C THR A 319 -26.09 13.66 -0.69
N THR A 320 -27.16 13.61 0.11
CA THR A 320 -27.46 14.75 0.96
C THR A 320 -27.20 14.36 2.41
N ILE A 321 -26.34 13.38 2.65
CA ILE A 321 -25.99 12.98 4.02
C ILE A 321 -25.42 14.15 4.82
N GLU A 322 -25.88 14.32 6.06
CA GLU A 322 -25.44 15.40 6.92
C GLU A 322 -24.21 14.93 7.68
N GLY A 323 -23.14 15.72 7.65
CA GLY A 323 -21.90 15.36 8.35
C GLY A 323 -21.10 14.31 7.61
N SER A 324 -20.15 13.67 8.30
CA SER A 324 -19.29 12.65 7.70
C SER A 324 -20.08 11.42 7.24
N PRO A 325 -20.01 11.08 5.94
CA PRO A 325 -20.62 9.81 5.51
C PRO A 325 -20.11 8.57 6.24
N SER A 326 -18.81 8.53 6.55
CA SER A 326 -18.25 7.42 7.32
C SER A 326 -18.97 7.21 8.65
N GLU A 327 -19.15 8.30 9.38
CA GLU A 327 -19.81 8.27 10.67
C GLU A 327 -21.28 7.86 10.50
N PHE A 328 -21.93 8.36 9.45
CA PHE A 328 -23.33 7.97 9.18
C PHE A 328 -23.44 6.45 9.00
N PHE A 329 -22.58 5.87 8.17
CA PHE A 329 -22.66 4.43 7.89
C PHE A 329 -22.31 3.55 9.12
N ILE A 330 -21.41 4.03 9.97
CA ILE A 330 -21.07 3.32 11.20
C ILE A 330 -22.26 3.33 12.12
N GLU A 331 -22.82 4.50 12.36
CA GLU A 331 -23.91 4.66 13.32
C GLU A 331 -25.21 4.09 12.82
N LYS A 332 -25.55 4.32 11.55
CA LYS A 332 -26.88 3.92 11.07
C LYS A 332 -26.93 2.63 10.27
N ALA A 333 -25.85 2.26 9.59
CA ALA A 333 -25.81 1.02 8.80
C ALA A 333 -24.96 -0.06 9.47
N LYS A 334 -24.25 0.26 10.56
CA LYS A 334 -23.32 -0.67 11.17
C LYS A 334 -22.32 -1.24 10.14
N VAL A 335 -21.76 -0.34 9.34
CA VAL A 335 -20.71 -0.68 8.39
C VAL A 335 -19.63 0.39 8.52
N ALA A 336 -18.39 -0.06 8.74
CA ALA A 336 -17.26 0.86 8.98
C ALA A 336 -16.36 1.01 7.75
N ASN A 338 -13.29 3.98 6.15
CA ASN A 338 -12.45 5.11 6.56
C ASN A 338 -13.04 6.43 6.05
N ASP A 339 -12.98 7.46 6.91
CA ASP A 339 -13.41 8.83 6.60
C ASP A 339 -12.33 9.46 5.71
N GLY A 340 -12.74 9.94 4.55
CA GLY A 340 -11.82 10.51 3.59
C GLY A 340 -11.06 11.73 4.07
N ALA A 341 -11.55 12.40 5.12
CA ALA A 341 -10.87 13.58 5.62
C ALA A 341 -9.48 13.23 6.17
N TRP A 342 -9.24 11.97 6.49
CA TRP A 342 -7.90 11.58 6.98
C TRP A 342 -6.86 11.54 5.86
N PHE A 343 -7.34 11.58 4.60
CA PHE A 343 -6.48 11.45 3.44
C PHE A 343 -6.10 12.84 2.87
N GLY A 344 -6.56 13.88 3.54
CA GLY A 344 -6.41 15.23 3.08
C GLY A 344 -7.75 15.95 3.17
N GLU A 345 -7.71 17.27 3.23
CA GLU A 345 -8.93 18.04 3.36
C GLU A 345 -9.91 17.84 2.21
N ASP A 346 -9.41 17.55 1.01
CA ASP A 346 -10.34 17.37 -0.10
C ASP A 346 -10.93 15.97 -0.14
N GLY A 347 -10.55 15.13 0.82
CA GLY A 347 -11.15 13.79 0.99
C GLY A 347 -12.46 13.82 1.75
N THR A 348 -12.81 14.97 2.29
CA THR A 348 -14.04 15.14 3.03
C THR A 348 -15.21 14.79 2.12
N GLY A 349 -16.10 13.91 2.59
CA GLY A 349 -17.24 13.50 1.77
C GLY A 349 -17.04 12.18 1.06
N PHE A 350 -15.80 11.70 1.09
CA PHE A 350 -15.45 10.41 0.57
C PHE A 350 -15.31 9.37 1.68
N CYS A 351 -15.34 8.10 1.31
CA CYS A 351 -14.99 6.99 2.21
C CYS A 351 -14.11 6.05 1.45
N ARG A 352 -13.29 5.30 2.18
CA ARG A 352 -12.48 4.25 1.56
C ARG A 352 -13.03 2.90 2.04
N LEU A 353 -13.42 2.04 1.10
CA LEU A 353 -14.01 0.75 1.45
C LEU A 353 -13.04 -0.37 1.11
N ASN A 354 -12.84 -1.30 2.05
CA ASN A 354 -11.93 -2.44 1.87
C ASN A 354 -12.71 -3.63 1.36
N PHE A 355 -12.49 -3.99 0.10
CA PHE A 355 -13.19 -5.11 -0.49
C PHE A 355 -12.41 -6.42 -0.57
N ALA A 356 -11.38 -6.55 0.25
CA ALA A 356 -10.64 -7.82 0.41
C ALA A 356 -11.37 -8.69 1.45
N THR A 357 -12.60 -9.06 1.12
CA THR A 357 -13.43 -9.91 1.98
C THR A 357 -14.38 -10.69 1.09
N SER A 358 -15.24 -11.51 1.69
CA SER A 358 -16.10 -12.35 0.90
C SER A 358 -17.19 -11.57 0.22
N ARG A 359 -17.65 -12.11 -0.92
CA ARG A 359 -18.85 -11.55 -1.60
C ARG A 359 -20.05 -11.48 -0.63
N GLU A 360 -20.22 -12.51 0.20
CA GLU A 360 -21.29 -12.51 1.21
C GLU A 360 -21.23 -11.30 2.14
N VAL A 361 -20.03 -11.01 2.63
CA VAL A 361 -19.83 -9.86 3.51
C VAL A 361 -20.14 -8.59 2.74
N LEU A 362 -19.66 -8.46 1.50
CA LEU A 362 -19.92 -7.28 0.71
C LEU A 362 -21.41 -7.05 0.44
N GLU A 363 -22.12 -8.11 0.09
N GLU A 363 -22.13 -8.11 0.09
CA GLU A 363 -23.57 -8.04 -0.13
CA GLU A 363 -23.57 -7.98 -0.15
C GLU A 363 -24.27 -7.52 1.12
C GLU A 363 -24.32 -7.55 1.12
N GLU A 364 -23.96 -8.13 2.26
CA GLU A 364 -24.57 -7.73 3.52
C GLU A 364 -24.28 -6.27 3.81
N ALA A 365 -23.02 -5.84 3.59
CA ALA A 365 -22.61 -4.48 3.88
C ALA A 365 -23.34 -3.47 2.99
N ILE A 366 -23.38 -3.71 1.69
CA ILE A 366 -24.03 -2.74 0.84
C ILE A 366 -25.54 -2.73 1.04
N ASP A 367 -26.11 -3.86 1.42
CA ASP A 367 -27.53 -3.89 1.69
C ASP A 367 -27.84 -3.07 2.96
N ARG A 368 -27.01 -3.21 4.00
CA ARG A 368 -27.22 -2.41 5.23
C ARG A 368 -27.18 -0.91 4.87
N ALA A 370 -27.63 0.46 1.85
CA ALA A 370 -28.77 0.79 0.95
C ALA A 370 -30.03 1.12 1.75
N LYS A 371 -30.30 0.36 2.79
CA LYS A 371 -31.46 0.64 3.61
C LYS A 371 -31.30 1.90 4.46
N ALA A 372 -30.16 2.02 5.13
CA ALA A 372 -29.92 3.15 6.02
C ALA A 372 -30.01 4.49 5.27
N VAL A 373 -29.43 4.53 4.08
CA VAL A 373 -29.30 5.76 3.31
C VAL A 373 -30.62 6.22 2.73
N SER A 374 -31.57 5.29 2.58
CA SER A 374 -32.86 5.63 2.00
C SER A 374 -33.63 6.66 2.86
N HIS A 375 -33.31 6.76 4.15
CA HIS A 375 -34.00 7.70 5.01
C HIS A 375 -33.05 8.42 5.99
N HIS A 376 -31.85 8.74 5.53
CA HIS A 376 -30.92 9.50 6.35
C HIS A 376 -31.56 10.86 6.59
N THR A 377 -31.20 11.49 7.69
CA THR A 377 -31.78 12.79 8.01
C THR A 377 -31.23 13.87 7.11
#